data_1W3W
#
_entry.id   1W3W
#
_cell.length_a   50.761
_cell.length_b   65.581
_cell.length_c   59.229
_cell.angle_alpha   90.00
_cell.angle_beta   100.70
_cell.angle_gamma   90.00
#
_symmetry.space_group_name_H-M   'P 1 21 1'
#
loop_
_entity.id
_entity.type
_entity.pdbx_description
1 polymer 'ANNEXIN A8'
2 non-polymer 'CALCIUM ION'
3 water water
#
_entity_poly.entity_id   1
_entity_poly.type   'polypeptide(L)'
_entity_poly.pdbx_seq_one_letter_code
;MAWWKAWIEQEGVTVKSSSHFNPDPDAETLYKAMKGIGTNEQAIIDVLTKRSNTQRQQIAKSFKAQFGKDLTETLKSELS
GKFERLIVALMYPPYRYEAKELHDAMKGLGTKEGVIIEILASRTKNQLREIMKAYEEDYGSSLEEDIQADTSGYLERILV
CLLQGSRDDVSSFVDPALALQDAQDLYAAGEKIRGTDEMKFITILCTRSATHLLRVFEEYEKIANKSIEDSIKSETHGSL
EEAMLTVVKCTQNLHSYFAERLYYAMKGAGTRDGTLIRNIVSRSEIDLNLIKCHFKKMYGKTLSSMIMEDTSGDYKNALL
SLVGSDP
;
_entity_poly.pdbx_strand_id   A
#
loop_
_chem_comp.id
_chem_comp.type
_chem_comp.name
_chem_comp.formula
CA non-polymer 'CALCIUM ION' 'Ca 2'
#
# COMPACT_ATOMS: atom_id res chain seq x y z
N SER A 17 14.01 -20.99 2.93
CA SER A 17 15.22 -20.16 2.70
C SER A 17 15.78 -19.61 4.02
N SER A 18 14.89 -19.36 4.96
CA SER A 18 15.30 -18.79 6.26
C SER A 18 15.54 -19.88 7.31
N SER A 19 15.75 -21.11 6.87
CA SER A 19 16.02 -22.22 7.78
C SER A 19 17.21 -21.89 8.71
N HIS A 20 18.22 -21.25 8.13
CA HIS A 20 19.41 -20.83 8.87
C HIS A 20 20.35 -20.05 7.95
N PHE A 21 20.77 -18.85 8.37
CA PHE A 21 21.32 -17.88 7.41
C PHE A 21 22.55 -17.10 7.92
N ASN A 22 23.63 -17.18 7.15
CA ASN A 22 24.83 -16.36 7.38
C ASN A 22 24.81 -15.18 6.40
N PRO A 23 24.61 -13.95 6.89
CA PRO A 23 24.56 -12.78 6.01
C PRO A 23 25.92 -12.25 5.49
N ASP A 24 27.03 -12.72 6.04
CA ASP A 24 28.34 -12.14 5.77
C ASP A 24 28.77 -12.19 4.31
N PRO A 25 28.64 -13.33 3.63
CA PRO A 25 28.99 -13.40 2.20
C PRO A 25 28.18 -12.46 1.33
N ASP A 26 26.88 -12.35 1.59
CA ASP A 26 26.04 -11.41 0.85
C ASP A 26 26.50 -9.96 1.04
N ALA A 27 26.85 -9.60 2.27
CA ALA A 27 27.38 -8.26 2.55
C ALA A 27 28.64 -8.03 1.75
N GLU A 28 29.50 -9.04 1.69
CA GLU A 28 30.73 -8.96 0.90
C GLU A 28 30.46 -8.83 -0.59
N THR A 29 29.46 -9.54 -1.10
CA THR A 29 29.09 -9.38 -2.49
C THR A 29 28.68 -7.94 -2.80
N LEU A 30 27.88 -7.34 -1.93
CA LEU A 30 27.44 -5.97 -2.15
C LEU A 30 28.61 -4.99 -2.08
N TYR A 31 29.51 -5.20 -1.13
CA TYR A 31 30.71 -4.40 -0.99
C TYR A 31 31.53 -4.41 -2.30
N LYS A 32 31.82 -5.59 -2.81
CA LYS A 32 32.58 -5.74 -4.05
C LYS A 32 31.84 -5.11 -5.24
N ALA A 33 30.52 -5.16 -5.21
CA ALA A 33 29.70 -4.62 -6.29
C ALA A 33 29.78 -3.10 -6.37
N MET A 34 30.05 -2.42 -5.27
CA MET A 34 30.04 -0.96 -5.23
C MET A 34 31.41 -0.32 -5.01
N LYS A 35 32.35 -1.12 -4.54
CA LYS A 35 33.71 -0.66 -4.19
C LYS A 35 34.43 -0.24 -5.47
N GLY A 36 35.23 0.81 -5.35
CA GLY A 36 36.09 1.21 -6.44
C GLY A 36 35.36 1.89 -7.56
N ILE A 37 35.84 1.66 -8.77
CA ILE A 37 35.32 2.33 -9.95
C ILE A 37 34.43 1.35 -10.68
N GLY A 38 33.22 1.80 -11.00
CA GLY A 38 32.20 0.95 -11.58
C GLY A 38 31.30 0.32 -10.54
N THR A 39 30.08 0.05 -10.97
CA THR A 39 29.04 -0.52 -10.13
C THR A 39 28.48 -1.74 -10.84
N ASN A 40 28.43 -2.87 -10.15
CA ASN A 40 27.83 -4.10 -10.67
C ASN A 40 26.39 -4.19 -10.19
N GLU A 41 25.48 -3.60 -10.96
CA GLU A 41 24.08 -3.51 -10.57
C GLU A 41 23.40 -4.87 -10.51
N GLN A 42 23.83 -5.78 -11.37
CA GLN A 42 23.23 -7.10 -11.43
C GLN A 42 23.49 -7.87 -10.14
N ALA A 43 24.69 -7.75 -9.58
CA ALA A 43 25.01 -8.40 -8.32
C ALA A 43 24.17 -7.85 -7.18
N ILE A 44 23.83 -6.56 -7.24
CA ILE A 44 22.95 -5.95 -6.25
C ILE A 44 21.53 -6.54 -6.38
N ILE A 45 21.03 -6.66 -7.61
CA ILE A 45 19.74 -7.31 -7.89
C ILE A 45 19.74 -8.74 -7.37
N ASP A 46 20.79 -9.49 -7.66
CA ASP A 46 20.84 -10.92 -7.34
C ASP A 46 20.85 -11.19 -5.85
N VAL A 47 21.37 -10.28 -5.04
CA VAL A 47 21.32 -10.45 -3.59
C VAL A 47 20.00 -9.90 -3.03
N LEU A 48 19.70 -8.63 -3.28
CA LEU A 48 18.63 -7.98 -2.54
C LEU A 48 17.22 -8.41 -2.94
N THR A 49 16.99 -8.76 -4.21
CA THR A 49 15.66 -9.27 -4.62
C THR A 49 15.46 -10.76 -4.39
N LYS A 50 16.50 -11.50 -4.04
CA LYS A 50 16.38 -12.93 -3.76
C LYS A 50 16.48 -13.27 -2.28
N ARG A 51 16.65 -12.29 -1.42
CA ARG A 51 16.61 -12.51 0.02
C ARG A 51 15.38 -11.84 0.59
N SER A 52 14.91 -12.32 1.73
CA SER A 52 13.74 -11.75 2.38
C SER A 52 14.10 -10.45 3.07
N ASN A 53 13.08 -9.69 3.46
CA ASN A 53 13.29 -8.42 4.13
C ASN A 53 14.15 -8.60 5.38
N THR A 54 13.86 -9.64 6.16
CA THR A 54 14.57 -9.84 7.42
C THR A 54 16.01 -10.22 7.15
N GLN A 55 16.25 -11.02 6.13
CA GLN A 55 17.62 -11.33 5.71
C GLN A 55 18.37 -10.08 5.25
N ARG A 56 17.70 -9.20 4.52
CA ARG A 56 18.28 -7.90 4.18
C ARG A 56 18.71 -7.08 5.41
N GLN A 57 17.94 -7.11 6.49
CA GLN A 57 18.31 -6.38 7.71
C GLN A 57 19.58 -6.96 8.33
N GLN A 58 19.70 -8.29 8.28
CA GLN A 58 20.90 -8.98 8.75
C GLN A 58 22.10 -8.64 7.88
N ILE A 59 21.89 -8.61 6.57
CA ILE A 59 22.92 -8.19 5.62
C ILE A 59 23.39 -6.75 5.90
N ALA A 60 22.44 -5.85 6.16
CA ALA A 60 22.78 -4.46 6.48
C ALA A 60 23.65 -4.38 7.72
N LYS A 61 23.32 -5.15 8.75
CA LYS A 61 24.09 -5.16 9.99
C LYS A 61 25.51 -5.69 9.79
N SER A 62 25.62 -6.79 9.05
CA SER A 62 26.91 -7.37 8.71
C SER A 62 27.75 -6.42 7.86
N PHE A 63 27.11 -5.71 6.95
CA PHE A 63 27.79 -4.77 6.06
C PHE A 63 28.41 -3.63 6.88
N LYS A 64 27.69 -3.13 7.88
CA LYS A 64 28.18 -2.03 8.70
C LYS A 64 29.30 -2.47 9.65
N ALA A 65 29.17 -3.66 10.21
CA ALA A 65 30.19 -4.21 11.09
C ALA A 65 31.51 -4.45 10.34
N GLN A 66 31.42 -4.98 9.12
CA GLN A 66 32.60 -5.35 8.32
C GLN A 66 33.26 -4.18 7.61
N PHE A 67 32.46 -3.24 7.11
CA PHE A 67 32.95 -2.22 6.18
C PHE A 67 32.75 -0.78 6.68
N GLY A 68 32.10 -0.62 7.82
CA GLY A 68 32.02 0.66 8.51
C GLY A 68 31.08 1.72 7.96
N LYS A 69 30.29 1.37 6.95
CA LYS A 69 29.31 2.31 6.38
C LYS A 69 27.93 1.69 6.42
N ASP A 70 26.90 2.51 6.52
CA ASP A 70 25.53 2.06 6.46
C ASP A 70 25.18 1.63 5.02
N LEU A 71 24.56 0.47 4.88
CA LEU A 71 24.26 -0.10 3.57
C LEU A 71 23.28 0.75 2.78
N THR A 72 22.20 1.18 3.44
CA THR A 72 21.17 1.96 2.79
C THR A 72 21.71 3.29 2.30
N GLU A 73 22.46 3.99 3.14
CA GLU A 73 23.08 5.27 2.76
C GLU A 73 24.05 5.07 1.62
N THR A 74 24.75 3.95 1.62
CA THR A 74 25.69 3.62 0.57
C THR A 74 24.95 3.36 -0.74
N LEU A 75 23.88 2.59 -0.68
CA LEU A 75 23.01 2.35 -1.82
C LEU A 75 22.45 3.66 -2.43
N LYS A 76 22.03 4.59 -1.56
CA LYS A 76 21.49 5.88 -2.00
C LYS A 76 22.53 6.71 -2.77
N SER A 77 23.77 6.66 -2.31
CA SER A 77 24.87 7.38 -2.96
C SER A 77 25.35 6.72 -4.25
N GLU A 78 25.37 5.40 -4.31
CA GLU A 78 25.97 4.71 -5.42
C GLU A 78 25.02 4.56 -6.59
N LEU A 79 23.73 4.49 -6.31
CA LEU A 79 22.73 4.22 -7.34
C LEU A 79 21.94 5.49 -7.67
N SER A 80 21.26 5.47 -8.80
CA SER A 80 20.41 6.59 -9.20
C SER A 80 19.07 6.15 -9.77
N GLY A 81 18.15 7.11 -9.85
CA GLY A 81 16.92 6.96 -10.58
C GLY A 81 15.94 5.99 -9.95
N LYS A 82 15.12 5.39 -10.81
CA LYS A 82 14.07 4.48 -10.38
C LYS A 82 14.68 3.24 -9.73
N PHE A 83 15.80 2.79 -10.25
CA PHE A 83 16.51 1.65 -9.71
C PHE A 83 16.88 1.90 -8.25
N GLU A 84 17.41 3.07 -7.96
CA GLU A 84 17.70 3.46 -6.57
C GLU A 84 16.45 3.49 -5.69
N ARG A 85 15.35 4.02 -6.20
CA ARG A 85 14.15 4.13 -5.38
C ARG A 85 13.65 2.74 -4.97
N LEU A 86 13.68 1.81 -5.91
CA LEU A 86 13.24 0.44 -5.67
C LEU A 86 14.13 -0.30 -4.69
N ILE A 87 15.44 -0.22 -4.90
CA ILE A 87 16.40 -0.94 -4.07
C ILE A 87 16.33 -0.40 -2.64
N VAL A 88 16.21 0.91 -2.49
CA VAL A 88 16.18 1.50 -1.15
C VAL A 88 14.89 1.13 -0.45
N ALA A 89 13.78 1.09 -1.20
CA ALA A 89 12.50 0.65 -0.68
C ALA A 89 12.58 -0.77 -0.09
N LEU A 90 13.32 -1.65 -0.74
CA LEU A 90 13.50 -3.03 -0.27
C LEU A 90 14.22 -3.12 1.06
N MET A 91 15.00 -2.10 1.36
CA MET A 91 15.82 -2.06 2.60
C MET A 91 15.08 -1.61 3.84
N TYR A 92 13.91 -1.00 3.67
CA TYR A 92 13.11 -0.60 4.81
C TYR A 92 12.39 -1.80 5.42
N PRO A 93 12.42 -1.93 6.75
CA PRO A 93 11.58 -2.92 7.40
C PRO A 93 10.10 -2.59 7.14
N PRO A 94 9.24 -3.58 7.20
CA PRO A 94 7.80 -3.33 7.17
C PRO A 94 7.36 -2.32 8.25
N TYR A 95 6.33 -1.54 7.95
CA TYR A 95 5.76 -0.53 8.85
C TYR A 95 6.56 0.74 8.86
N ARG A 96 7.86 0.64 9.04
CA ARG A 96 8.74 1.77 8.80
C ARG A 96 8.70 2.21 7.34
N TYR A 97 8.54 1.25 6.42
CA TYR A 97 8.43 1.59 5.01
C TYR A 97 7.20 2.46 4.73
N GLU A 98 6.04 2.02 5.19
CA GLU A 98 4.80 2.75 5.02
C GLU A 98 4.84 4.13 5.69
N ALA A 99 5.44 4.20 6.87
CA ALA A 99 5.65 5.47 7.56
C ALA A 99 6.47 6.44 6.71
N LYS A 100 7.51 5.95 6.06
CA LYS A 100 8.31 6.77 5.16
C LYS A 100 7.49 7.25 3.97
N GLU A 101 6.72 6.35 3.35
CA GLU A 101 5.86 6.72 2.24
C GLU A 101 4.84 7.80 2.64
N LEU A 102 4.24 7.66 3.82
CA LEU A 102 3.24 8.62 4.29
C LEU A 102 3.90 10.00 4.54
N HIS A 103 5.07 10.00 5.15
CA HIS A 103 5.85 11.22 5.39
C HIS A 103 6.17 11.92 4.08
N ASP A 104 6.69 11.15 3.12
CA ASP A 104 7.01 11.68 1.80
C ASP A 104 5.78 12.25 1.11
N ALA A 105 4.61 11.65 1.33
CA ALA A 105 3.38 12.12 0.71
C ALA A 105 3.00 13.52 1.18
N MET A 106 3.39 13.89 2.40
CA MET A 106 3.04 15.16 3.01
C MET A 106 4.16 16.20 3.10
N LYS A 107 5.43 15.81 3.01
CA LYS A 107 6.55 16.73 3.28
C LYS A 107 6.94 17.62 2.10
N GLY A 108 6.45 17.29 0.91
CA GLY A 108 6.84 17.98 -0.29
C GLY A 108 5.87 19.08 -0.66
N LEU A 109 5.92 19.42 -1.93
CA LEU A 109 5.05 20.41 -2.51
C LEU A 109 3.80 19.68 -3.00
N GLY A 110 2.66 20.02 -2.42
CA GLY A 110 1.43 19.28 -2.65
C GLY A 110 1.31 18.11 -1.68
N THR A 111 0.13 17.52 -1.62
CA THR A 111 -0.08 16.32 -0.83
C THR A 111 -0.43 15.20 -1.80
N LYS A 112 0.21 14.04 -1.63
CA LYS A 112 -0.09 12.88 -2.45
C LYS A 112 -1.18 12.11 -1.71
N GLU A 113 -2.41 12.60 -1.85
CA GLU A 113 -3.54 12.10 -1.08
C GLU A 113 -3.80 10.64 -1.40
N GLY A 114 -3.56 10.26 -2.64
CA GLY A 114 -3.73 8.89 -3.09
C GLY A 114 -2.86 7.89 -2.34
N VAL A 115 -1.65 8.29 -1.98
CA VAL A 115 -0.75 7.45 -1.20
C VAL A 115 -1.34 7.21 0.18
N ILE A 116 -1.83 8.28 0.79
CA ILE A 116 -2.38 8.22 2.13
C ILE A 116 -3.65 7.36 2.19
N ILE A 117 -4.52 7.54 1.21
CA ILE A 117 -5.75 6.75 1.10
C ILE A 117 -5.46 5.24 1.00
N GLU A 118 -4.55 4.90 0.09
CA GLU A 118 -4.18 3.51 -0.17
C GLU A 118 -3.70 2.82 1.08
N ILE A 119 -2.77 3.45 1.78
CA ILE A 119 -2.19 2.82 2.95
C ILE A 119 -3.21 2.73 4.10
N LEU A 120 -3.91 3.82 4.37
CA LEU A 120 -4.84 3.82 5.51
C LEU A 120 -6.04 2.88 5.30
N ALA A 121 -6.49 2.73 4.06
CA ALA A 121 -7.64 1.88 3.77
C ALA A 121 -7.29 0.40 3.65
N SER A 122 -6.07 0.08 3.24
CA SER A 122 -5.75 -1.32 2.92
C SER A 122 -5.02 -2.03 4.05
N ARG A 123 -4.57 -1.30 5.06
CA ARG A 123 -3.93 -1.91 6.19
C ARG A 123 -4.96 -2.23 7.29
N THR A 124 -4.66 -3.25 8.08
CA THR A 124 -5.48 -3.61 9.21
C THR A 124 -5.17 -2.67 10.34
N LYS A 125 -6.04 -2.71 11.35
CA LYS A 125 -5.85 -1.90 12.54
C LYS A 125 -4.49 -2.14 13.19
N ASN A 126 -4.10 -3.40 13.31
CA ASN A 126 -2.84 -3.75 13.98
C ASN A 126 -1.63 -3.32 13.16
N GLN A 127 -1.72 -3.44 11.85
CA GLN A 127 -0.69 -2.91 10.96
C GLN A 127 -0.58 -1.38 11.11
N LEU A 128 -1.72 -0.69 11.14
CA LEU A 128 -1.72 0.76 11.28
C LEU A 128 -1.11 1.20 12.61
N ARG A 129 -1.36 0.43 13.67
CA ARG A 129 -0.79 0.74 14.98
C ARG A 129 0.72 0.74 14.90
N GLU A 130 1.29 -0.23 14.19
CA GLU A 130 2.73 -0.34 13.99
C GLU A 130 3.26 0.78 13.11
N ILE A 131 2.51 1.14 12.08
CA ILE A 131 2.92 2.23 11.19
C ILE A 131 2.91 3.57 11.96
N MET A 132 1.90 3.77 12.80
CA MET A 132 1.81 4.98 13.62
C MET A 132 2.98 5.13 14.59
N LYS A 133 3.38 4.02 15.20
CA LYS A 133 4.50 4.01 16.12
C LYS A 133 5.80 4.32 15.38
N ALA A 134 5.98 3.69 14.22
CA ALA A 134 7.17 3.91 13.40
C ALA A 134 7.27 5.37 12.95
N TYR A 135 6.13 5.95 12.55
CA TYR A 135 6.08 7.33 12.07
C TYR A 135 6.51 8.34 13.15
N GLU A 136 6.05 8.12 14.38
CA GLU A 136 6.42 9.01 15.48
C GLU A 136 7.89 8.85 15.86
N GLU A 137 8.39 7.62 15.84
CA GLU A 137 9.79 7.31 16.15
C GLU A 137 10.76 7.93 15.15
N ASP A 138 10.40 7.92 13.87
CA ASP A 138 11.32 8.35 12.83
C ASP A 138 11.21 9.83 12.52
N TYR A 139 10.02 10.41 12.71
CA TYR A 139 9.75 11.79 12.25
C TYR A 139 9.33 12.74 13.35
N GLY A 140 9.18 12.24 14.58
CA GLY A 140 8.95 13.08 15.75
C GLY A 140 7.62 13.82 15.83
N SER A 141 6.65 13.43 15.01
CA SER A 141 5.29 13.95 15.12
C SER A 141 4.29 12.81 14.97
N SER A 142 3.07 13.04 15.43
CA SER A 142 2.03 12.04 15.36
C SER A 142 1.47 12.01 13.94
N LEU A 143 1.22 10.82 13.42
CA LEU A 143 0.69 10.67 12.06
C LEU A 143 -0.69 11.32 11.98
N GLU A 144 -1.51 11.08 12.99
CA GLU A 144 -2.86 11.63 13.03
C GLU A 144 -2.85 13.17 13.03
N GLU A 145 -1.91 13.77 13.76
CA GLU A 145 -1.79 15.23 13.81
C GLU A 145 -1.32 15.84 12.50
N ASP A 146 -0.40 15.16 11.81
CA ASP A 146 0.07 15.61 10.50
C ASP A 146 -1.04 15.54 9.46
N ILE A 147 -1.82 14.46 9.49
CA ILE A 147 -2.94 14.32 8.57
C ILE A 147 -4.00 15.42 8.83
N GLN A 148 -4.28 15.67 10.10
CA GLN A 148 -5.21 16.73 10.52
C GLN A 148 -4.81 18.10 9.98
N ALA A 149 -3.52 18.40 10.01
CA ALA A 149 -3.02 19.69 9.57
C ALA A 149 -2.94 19.81 8.05
N ASP A 150 -2.67 18.69 7.38
CA ASP A 150 -2.38 18.72 5.94
C ASP A 150 -3.58 18.48 5.03
N THR A 151 -4.66 17.90 5.56
CA THR A 151 -5.88 17.65 4.80
C THR A 151 -7.04 18.39 5.44
N SER A 152 -8.13 18.54 4.70
CA SER A 152 -9.31 19.24 5.20
C SER A 152 -10.59 18.64 4.65
N GLY A 153 -11.71 19.09 5.22
CA GLY A 153 -13.02 18.66 4.75
C GLY A 153 -13.33 17.23 5.13
N TYR A 154 -14.10 16.55 4.29
CA TYR A 154 -14.57 15.21 4.58
C TYR A 154 -13.46 14.19 4.38
N LEU A 155 -12.50 14.48 3.49
CA LEU A 155 -11.35 13.60 3.29
C LEU A 155 -10.60 13.47 4.60
N GLU A 156 -10.34 14.60 5.26
CA GLU A 156 -9.70 14.63 6.57
C GLU A 156 -10.42 13.78 7.61
N ARG A 157 -11.75 13.87 7.60
CA ARG A 157 -12.58 13.12 8.54
C ARG A 157 -12.47 11.61 8.34
N ILE A 158 -12.57 11.13 7.09
CA ILE A 158 -12.46 9.69 6.86
C ILE A 158 -11.05 9.15 7.16
N LEU A 159 -10.01 9.91 6.82
CA LEU A 159 -8.65 9.46 7.04
C LEU A 159 -8.35 9.36 8.53
N VAL A 160 -8.73 10.39 9.29
CA VAL A 160 -8.59 10.36 10.73
C VAL A 160 -9.38 9.21 11.37
N CYS A 161 -10.58 8.96 10.87
CA CYS A 161 -11.39 7.85 11.36
C CYS A 161 -10.73 6.49 11.11
N LEU A 162 -10.10 6.31 9.95
CA LEU A 162 -9.43 5.04 9.65
C LEU A 162 -8.29 4.74 10.62
N LEU A 163 -7.67 5.79 11.16
CA LEU A 163 -6.61 5.66 12.16
C LEU A 163 -7.12 5.50 13.57
N GLN A 164 -8.30 6.08 13.83
CA GLN A 164 -8.82 6.25 15.18
C GLN A 164 -9.57 4.98 15.53
N GLY A 165 -8.82 3.96 15.89
CA GLY A 165 -9.34 2.61 15.90
C GLY A 165 -9.77 2.28 14.48
N SER A 166 -11.07 2.41 14.21
CA SER A 166 -11.68 1.87 13.01
C SER A 166 -11.32 0.39 12.99
N ARG A 167 -11.84 -0.31 14.00
CA ARG A 167 -11.40 -1.66 14.29
C ARG A 167 -12.47 -2.65 13.90
N ASP A 168 -12.24 -3.90 14.27
CA ASP A 168 -13.04 -4.99 13.77
C ASP A 168 -12.51 -6.27 14.39
N ASP A 169 -11.20 -6.44 14.26
CA ASP A 169 -10.56 -7.61 14.83
C ASP A 169 -11.76 -8.46 15.19
N VAL A 170 -12.34 -9.05 14.14
CA VAL A 170 -13.77 -9.35 14.12
C VAL A 170 -14.12 -10.77 14.57
N SER A 171 -15.44 -11.01 14.58
CA SER A 171 -16.02 -12.35 14.71
C SER A 171 -16.63 -12.63 13.33
N SER A 172 -17.38 -13.73 13.24
CA SER A 172 -18.19 -14.02 12.06
C SER A 172 -19.65 -13.60 12.30
N PHE A 173 -19.95 -13.20 13.54
CA PHE A 173 -21.30 -12.79 13.92
C PHE A 173 -21.59 -11.31 13.60
N VAL A 174 -22.56 -11.12 12.73
CA VAL A 174 -23.05 -9.81 12.37
C VAL A 174 -24.41 -9.63 13.03
N ASP A 175 -24.64 -8.44 13.57
CA ASP A 175 -25.93 -8.08 14.11
C ASP A 175 -26.86 -7.72 12.95
N PRO A 176 -27.86 -8.56 12.64
CA PRO A 176 -28.69 -8.32 11.46
C PRO A 176 -29.54 -7.05 11.56
N ALA A 177 -29.99 -6.68 12.77
CA ALA A 177 -30.77 -5.46 12.93
C ALA A 177 -29.94 -4.22 12.65
N LEU A 178 -28.69 -4.24 13.10
CA LEU A 178 -27.83 -3.08 12.93
C LEU A 178 -27.37 -2.99 11.46
N ALA A 179 -27.15 -4.13 10.82
CA ALA A 179 -26.76 -4.16 9.41
C ALA A 179 -27.86 -3.55 8.56
N LEU A 180 -29.11 -3.89 8.85
CA LEU A 180 -30.25 -3.33 8.15
C LEU A 180 -30.41 -1.83 8.39
N GLN A 181 -30.22 -1.42 9.65
CA GLN A 181 -30.27 0.01 9.97
C GLN A 181 -29.15 0.79 9.28
N ASP A 182 -27.94 0.24 9.25
CA ASP A 182 -26.84 0.85 8.54
C ASP A 182 -27.17 1.01 7.05
N ALA A 183 -27.75 -0.01 6.43
CA ALA A 183 -28.10 0.05 5.02
C ALA A 183 -29.22 1.07 4.76
N GLN A 184 -30.19 1.10 5.66
CA GLN A 184 -31.26 2.09 5.61
C GLN A 184 -30.69 3.50 5.74
N ASP A 185 -29.73 3.69 6.64
CA ASP A 185 -29.12 5.02 6.84
C ASP A 185 -28.30 5.47 5.64
N LEU A 186 -27.62 4.53 4.98
CA LEU A 186 -26.82 4.86 3.79
C LEU A 186 -27.72 5.27 2.64
N TYR A 187 -28.83 4.58 2.51
CA TYR A 187 -29.82 4.89 1.50
C TYR A 187 -30.42 6.29 1.75
N ALA A 188 -30.87 6.54 2.98
CA ALA A 188 -31.42 7.84 3.36
C ALA A 188 -30.41 8.98 3.15
N ALA A 189 -29.14 8.71 3.44
CA ALA A 189 -28.07 9.71 3.30
C ALA A 189 -27.83 10.11 1.84
N GLY A 190 -27.94 9.14 0.94
CA GLY A 190 -27.80 9.42 -0.48
C GLY A 190 -28.98 10.17 -1.06
N GLU A 191 -30.15 9.99 -0.45
CA GLU A 191 -31.41 10.51 -0.99
C GLU A 191 -31.72 11.97 -0.61
N LYS A 192 -30.94 12.58 0.28
CA LYS A 192 -31.24 13.97 0.64
C LYS A 192 -30.71 14.93 -0.44
N ILE A 193 -31.58 15.86 -0.83
CA ILE A 193 -31.48 16.49 -2.14
C ILE A 193 -30.57 17.72 -2.17
N ARG A 194 -30.51 18.49 -1.09
CA ARG A 194 -29.53 19.60 -1.01
C ARG A 194 -28.29 19.22 -0.20
N GLY A 195 -27.59 18.18 -0.67
CA GLY A 195 -26.29 17.80 -0.14
C GLY A 195 -26.29 16.43 0.50
N THR A 196 -25.63 15.46 -0.15
CA THR A 196 -25.41 14.13 0.45
C THR A 196 -24.86 14.28 1.87
N ASP A 197 -25.34 13.43 2.78
CA ASP A 197 -24.86 13.40 4.15
C ASP A 197 -23.61 12.53 4.23
N GLU A 198 -22.48 13.15 3.90
CA GLU A 198 -21.21 12.44 3.74
C GLU A 198 -20.80 11.78 5.06
N MET A 199 -21.08 12.44 6.19
CA MET A 199 -20.67 11.92 7.50
C MET A 199 -21.29 10.58 7.86
N LYS A 200 -22.49 10.33 7.33
CA LYS A 200 -23.16 9.05 7.56
C LYS A 200 -22.45 7.92 6.82
N PHE A 201 -22.11 8.16 5.56
CA PHE A 201 -21.26 7.25 4.81
C PHE A 201 -19.94 7.00 5.52
N ILE A 202 -19.30 8.08 5.97
CA ILE A 202 -17.95 7.98 6.52
C ILE A 202 -17.92 7.15 7.79
N THR A 203 -18.88 7.41 8.67
CA THR A 203 -18.94 6.73 9.96
C THR A 203 -19.16 5.23 9.81
N ILE A 204 -20.11 4.85 8.98
CA ILE A 204 -20.40 3.43 8.79
C ILE A 204 -19.25 2.72 8.07
N LEU A 205 -18.73 3.33 7.00
CA LEU A 205 -17.63 2.74 6.24
C LEU A 205 -16.34 2.62 7.08
N CYS A 206 -16.12 3.51 8.03
CA CYS A 206 -14.87 3.52 8.80
C CYS A 206 -14.92 2.82 10.17
N THR A 207 -16.08 2.76 10.83
CA THR A 207 -16.18 2.14 12.17
C THR A 207 -16.68 0.69 12.21
N ARG A 208 -17.32 0.22 11.14
CA ARG A 208 -17.84 -1.15 11.13
C ARG A 208 -16.79 -2.13 10.65
N SER A 209 -16.91 -3.38 11.09
CA SER A 209 -16.02 -4.43 10.64
C SER A 209 -16.27 -4.79 9.18
N ALA A 210 -15.27 -5.39 8.54
CA ALA A 210 -15.39 -5.85 7.15
C ALA A 210 -16.57 -6.80 6.98
N THR A 211 -16.72 -7.73 7.92
CA THR A 211 -17.77 -8.74 7.83
C THR A 211 -19.18 -8.12 7.94
N HIS A 212 -19.32 -7.16 8.84
CA HIS A 212 -20.54 -6.40 8.98
C HIS A 212 -20.82 -5.61 7.70
N LEU A 213 -19.79 -4.98 7.14
CA LEU A 213 -19.96 -4.13 5.97
C LEU A 213 -20.39 -4.94 4.77
N LEU A 214 -19.89 -6.17 4.63
CA LEU A 214 -20.32 -7.02 3.52
C LEU A 214 -21.82 -7.27 3.57
N ARG A 215 -22.33 -7.50 4.77
CA ARG A 215 -23.76 -7.67 4.93
C ARG A 215 -24.52 -6.35 4.67
N VAL A 216 -23.95 -5.22 5.10
CA VAL A 216 -24.56 -3.93 4.84
C VAL A 216 -24.67 -3.71 3.32
N PHE A 217 -23.64 -4.07 2.56
CA PHE A 217 -23.65 -3.85 1.11
C PHE A 217 -24.72 -4.69 0.45
N GLU A 218 -24.87 -5.94 0.91
CA GLU A 218 -25.95 -6.81 0.42
C GLU A 218 -27.33 -6.20 0.68
N GLU A 219 -27.58 -5.78 1.92
CA GLU A 219 -28.86 -5.20 2.31
C GLU A 219 -29.13 -3.89 1.56
N TYR A 220 -28.08 -3.09 1.39
CA TYR A 220 -28.20 -1.83 0.69
C TYR A 220 -28.71 -2.05 -0.75
N GLU A 221 -28.20 -3.07 -1.41
CA GLU A 221 -28.65 -3.41 -2.76
C GLU A 221 -30.13 -3.76 -2.85
N LYS A 222 -30.63 -4.52 -1.88
CA LYS A 222 -32.05 -4.88 -1.82
C LYS A 222 -32.96 -3.67 -1.61
N ILE A 223 -32.50 -2.74 -0.78
CA ILE A 223 -33.27 -1.56 -0.42
C ILE A 223 -33.22 -0.50 -1.52
N ALA A 224 -32.04 -0.31 -2.11
CA ALA A 224 -31.79 0.82 -2.99
C ALA A 224 -31.88 0.47 -4.47
N ASN A 225 -31.80 -0.82 -4.80
CA ASN A 225 -31.69 -1.27 -6.19
C ASN A 225 -30.57 -0.57 -6.93
N LYS A 226 -29.45 -0.46 -6.23
CA LYS A 226 -28.25 0.17 -6.73
C LYS A 226 -27.08 -0.40 -5.90
N SER A 227 -25.96 -0.71 -6.55
CA SER A 227 -24.78 -1.15 -5.84
C SER A 227 -24.22 0.01 -5.01
N ILE A 228 -23.52 -0.30 -3.94
CA ILE A 228 -22.91 0.74 -3.11
C ILE A 228 -21.85 1.53 -3.89
N GLU A 229 -21.11 0.87 -4.78
CA GLU A 229 -20.12 1.55 -5.61
C GLU A 229 -20.75 2.62 -6.53
N ASP A 230 -21.84 2.28 -7.21
CA ASP A 230 -22.54 3.21 -8.10
C ASP A 230 -23.15 4.37 -7.31
N SER A 231 -23.60 4.11 -6.08
CA SER A 231 -24.13 5.16 -5.23
C SER A 231 -23.03 6.13 -4.85
N ILE A 232 -21.89 5.62 -4.41
CA ILE A 232 -20.73 6.46 -4.13
C ILE A 232 -20.29 7.27 -5.35
N LYS A 233 -20.27 6.64 -6.52
CA LYS A 233 -19.84 7.31 -7.76
C LYS A 233 -20.77 8.45 -8.16
N SER A 234 -22.07 8.28 -7.89
CA SER A 234 -23.04 9.31 -8.28
C SER A 234 -23.17 10.40 -7.21
N GLU A 235 -22.83 10.09 -5.96
CA GLU A 235 -23.05 11.00 -4.82
C GLU A 235 -21.82 11.78 -4.35
N THR A 236 -20.63 11.36 -4.76
CA THR A 236 -19.41 12.03 -4.31
C THR A 236 -18.47 12.23 -5.49
N HIS A 237 -17.43 13.02 -5.24
CA HIS A 237 -16.39 13.27 -6.25
C HIS A 237 -15.01 13.42 -5.61
N GLY A 238 -13.98 13.38 -6.46
CA GLY A 238 -12.63 13.71 -6.06
C GLY A 238 -12.00 12.71 -5.10
N SER A 239 -11.24 13.24 -4.16
CA SER A 239 -10.52 12.42 -3.19
C SER A 239 -11.44 11.66 -2.25
N LEU A 240 -12.54 12.29 -1.83
CA LEU A 240 -13.50 11.61 -0.95
C LEU A 240 -14.07 10.36 -1.65
N GLU A 241 -14.42 10.48 -2.93
CA GLU A 241 -14.88 9.35 -3.73
C GLU A 241 -13.84 8.22 -3.78
N GLU A 242 -12.60 8.59 -4.08
CA GLU A 242 -11.49 7.63 -4.14
C GLU A 242 -11.35 6.87 -2.83
N ALA A 243 -11.43 7.60 -1.72
CA ALA A 243 -11.28 7.04 -0.39
C ALA A 243 -12.39 6.05 -0.06
N MET A 244 -13.64 6.44 -0.33
CA MET A 244 -14.80 5.56 -0.11
C MET A 244 -14.76 4.30 -0.94
N LEU A 245 -14.54 4.45 -2.24
CA LEU A 245 -14.41 3.30 -3.13
C LEU A 245 -13.26 2.37 -2.72
N THR A 246 -12.18 2.93 -2.18
CA THR A 246 -11.03 2.15 -1.76
C THR A 246 -11.42 1.29 -0.56
N VAL A 247 -12.13 1.90 0.40
CA VAL A 247 -12.62 1.13 1.55
C VAL A 247 -13.51 -0.02 1.08
N VAL A 248 -14.42 0.27 0.15
CA VAL A 248 -15.32 -0.76 -0.37
C VAL A 248 -14.54 -1.90 -1.06
N LYS A 249 -13.61 -1.55 -1.94
CA LYS A 249 -12.82 -2.56 -2.66
C LYS A 249 -11.98 -3.41 -1.71
N CYS A 250 -11.35 -2.78 -0.72
CA CYS A 250 -10.52 -3.49 0.26
C CYS A 250 -11.34 -4.43 1.15
N THR A 251 -12.59 -4.07 1.37
CA THR A 251 -13.51 -4.90 2.16
C THR A 251 -13.91 -6.15 1.40
N GLN A 252 -14.20 -5.99 0.11
CA GLN A 252 -14.65 -7.08 -0.75
C GLN A 252 -13.54 -8.08 -1.08
N ASN A 253 -12.39 -7.58 -1.51
CA ASN A 253 -11.24 -8.43 -1.78
C ASN A 253 -9.99 -7.58 -1.86
N LEU A 254 -9.18 -7.68 -0.83
CA LEU A 254 -7.94 -6.92 -0.73
C LEU A 254 -6.93 -7.23 -1.85
N HIS A 255 -6.81 -8.50 -2.21
CA HIS A 255 -5.85 -8.92 -3.22
C HIS A 255 -6.21 -8.36 -4.58
N SER A 256 -7.50 -8.37 -4.88
CA SER A 256 -8.03 -7.76 -6.10
C SER A 256 -7.81 -6.23 -6.12
N TYR A 257 -7.88 -5.59 -4.96
CA TYR A 257 -7.61 -4.15 -4.85
C TYR A 257 -6.18 -3.83 -5.30
N PHE A 258 -5.23 -4.60 -4.78
CA PHE A 258 -3.83 -4.37 -5.11
C PHE A 258 -3.53 -4.64 -6.58
N ALA A 259 -4.18 -5.64 -7.17
CA ALA A 259 -4.02 -5.92 -8.59
C ALA A 259 -4.44 -4.69 -9.40
N GLU A 260 -5.56 -4.09 -9.01
CA GLU A 260 -6.13 -2.96 -9.72
C GLU A 260 -5.29 -1.70 -9.57
N ARG A 261 -4.70 -1.55 -8.40
CA ARG A 261 -3.79 -0.47 -8.13
C ARG A 261 -2.56 -0.55 -9.05
N LEU A 262 -2.03 -1.74 -9.20
CA LEU A 262 -0.87 -1.97 -10.04
C LEU A 262 -1.22 -1.73 -11.51
N TYR A 263 -2.38 -2.23 -11.95
CA TYR A 263 -2.87 -2.01 -13.31
C TYR A 263 -2.96 -0.53 -13.67
N TYR A 264 -3.55 0.27 -12.78
CA TYR A 264 -3.74 1.67 -13.08
C TYR A 264 -2.47 2.51 -12.91
N ALA A 265 -1.49 1.98 -12.16
CA ALA A 265 -0.16 2.57 -12.13
C ALA A 265 0.53 2.51 -13.50
N MET A 266 0.16 1.53 -14.33
CA MET A 266 0.82 1.28 -15.61
C MET A 266 -0.03 1.64 -16.82
N LYS A 267 -1.35 1.60 -16.70
CA LYS A 267 -2.26 1.80 -17.84
C LYS A 267 -2.10 3.21 -18.43
N GLY A 268 -2.18 3.30 -19.76
CA GLY A 268 -2.09 4.59 -20.43
C GLY A 268 -0.68 5.17 -20.44
N ALA A 269 -0.59 6.47 -20.70
CA ALA A 269 0.70 7.14 -20.91
C ALA A 269 1.52 7.22 -19.63
N GLY A 270 2.80 6.87 -19.73
CA GLY A 270 3.71 6.93 -18.60
C GLY A 270 3.47 5.87 -17.55
N THR A 271 4.12 6.03 -16.41
CA THR A 271 4.00 5.06 -15.32
C THR A 271 3.98 5.81 -14.01
N ARG A 272 3.09 5.43 -13.11
CA ARG A 272 3.21 5.90 -11.74
C ARG A 272 4.13 4.98 -10.97
N ASP A 273 5.43 5.26 -11.07
CA ASP A 273 6.45 4.36 -10.55
C ASP A 273 6.41 4.25 -9.04
N GLY A 274 6.10 5.35 -8.36
CA GLY A 274 5.98 5.33 -6.89
C GLY A 274 4.97 4.29 -6.43
N THR A 275 3.83 4.24 -7.11
CA THR A 275 2.76 3.30 -6.81
C THR A 275 3.09 1.86 -7.16
N LEU A 276 3.75 1.67 -8.29
CA LEU A 276 4.25 0.36 -8.70
C LEU A 276 5.25 -0.20 -7.67
N ILE A 277 6.24 0.61 -7.32
CA ILE A 277 7.25 0.21 -6.36
C ILE A 277 6.64 -0.15 -5.02
N ARG A 278 5.83 0.75 -4.48
CA ARG A 278 5.30 0.60 -3.13
C ARG A 278 4.44 -0.64 -2.97
N ASN A 279 3.59 -0.90 -3.95
CA ASN A 279 2.70 -2.04 -3.86
C ASN A 279 3.41 -3.37 -4.07
N ILE A 280 4.36 -3.43 -4.99
CA ILE A 280 5.13 -4.65 -5.19
C ILE A 280 6.00 -4.93 -3.96
N VAL A 281 6.68 -3.90 -3.47
CA VAL A 281 7.58 -4.09 -2.35
C VAL A 281 6.83 -4.46 -1.08
N SER A 282 5.76 -3.71 -0.75
CA SER A 282 5.05 -3.89 0.52
C SER A 282 4.20 -5.17 0.55
N ARG A 283 3.80 -5.68 -0.61
CA ARG A 283 3.03 -6.92 -0.66
C ARG A 283 3.86 -8.16 -1.00
N SER A 284 5.15 -7.97 -1.28
CA SER A 284 6.05 -9.02 -1.74
C SER A 284 6.10 -10.24 -0.84
N GLU A 285 5.95 -10.08 0.48
CA GLU A 285 5.98 -11.24 1.40
C GLU A 285 4.63 -11.53 2.07
N ILE A 286 3.55 -11.01 1.53
CA ILE A 286 2.21 -11.27 2.04
C ILE A 286 1.36 -12.01 1.02
N ASP A 287 1.09 -11.37 -0.11
CA ASP A 287 0.13 -11.92 -1.06
C ASP A 287 0.42 -11.60 -2.53
N LEU A 288 1.68 -11.40 -2.86
CA LEU A 288 2.02 -11.08 -4.24
C LEU A 288 1.64 -12.24 -5.18
N ASN A 289 1.72 -13.47 -4.70
CA ASN A 289 1.25 -14.63 -5.49
C ASN A 289 -0.26 -14.54 -5.87
N LEU A 290 -1.09 -14.14 -4.91
CA LEU A 290 -2.52 -13.96 -5.15
C LEU A 290 -2.81 -12.73 -6.02
N ILE A 291 -2.02 -11.68 -5.86
CA ILE A 291 -2.14 -10.49 -6.68
C ILE A 291 -1.87 -10.87 -8.15
N LYS A 292 -0.84 -11.69 -8.39
CA LYS A 292 -0.49 -12.12 -9.74
C LYS A 292 -1.63 -12.89 -10.38
N CYS A 293 -2.23 -13.78 -9.60
CA CYS A 293 -3.36 -14.58 -10.06
C CYS A 293 -4.58 -13.73 -10.42
N HIS A 294 -4.90 -12.80 -9.52
CA HIS A 294 -6.02 -11.89 -9.70
C HIS A 294 -5.81 -10.96 -10.89
N PHE A 295 -4.58 -10.49 -11.08
CA PHE A 295 -4.26 -9.63 -12.21
C PHE A 295 -4.57 -10.33 -13.55
N LYS A 296 -4.15 -11.58 -13.66
CA LYS A 296 -4.39 -12.42 -14.83
C LYS A 296 -5.87 -12.62 -15.08
N LYS A 297 -6.61 -12.94 -14.03
CA LYS A 297 -8.04 -13.21 -14.14
C LYS A 297 -8.80 -11.96 -14.58
N MET A 298 -8.43 -10.81 -14.04
CA MET A 298 -9.18 -9.57 -14.26
C MET A 298 -8.85 -8.94 -15.61
N TYR A 299 -7.60 -9.03 -16.05
CA TYR A 299 -7.12 -8.28 -17.21
C TYR A 299 -6.71 -9.12 -18.42
N GLY A 300 -6.70 -10.45 -18.28
CA GLY A 300 -6.34 -11.35 -19.36
C GLY A 300 -4.88 -11.27 -19.82
N LYS A 301 -4.02 -10.79 -18.94
CA LYS A 301 -2.59 -10.73 -19.17
C LYS A 301 -1.86 -10.74 -17.83
N THR A 302 -0.58 -11.11 -17.83
CA THR A 302 0.19 -11.17 -16.58
C THR A 302 0.70 -9.79 -16.13
N LEU A 303 0.93 -9.66 -14.83
CA LEU A 303 1.56 -8.50 -14.23
C LEU A 303 2.91 -8.20 -14.90
N SER A 304 3.72 -9.25 -15.08
CA SER A 304 5.05 -9.13 -15.69
C SER A 304 5.02 -8.56 -17.10
N SER A 305 4.01 -8.91 -17.89
CA SER A 305 3.93 -8.43 -19.27
C SER A 305 3.73 -6.91 -19.30
N MET A 306 2.96 -6.38 -18.35
CA MET A 306 2.78 -4.94 -18.28
C MET A 306 4.02 -4.26 -17.74
N ILE A 307 4.68 -4.86 -16.77
CA ILE A 307 5.96 -4.33 -16.29
C ILE A 307 6.99 -4.28 -17.44
N MET A 308 7.08 -5.32 -18.25
CA MET A 308 8.00 -5.35 -19.40
C MET A 308 7.72 -4.25 -20.42
N GLU A 309 6.44 -3.96 -20.62
CA GLU A 309 6.02 -2.94 -21.57
C GLU A 309 6.30 -1.52 -21.07
N ASP A 310 6.19 -1.32 -19.75
CA ASP A 310 6.23 0.01 -19.15
C ASP A 310 7.57 0.44 -18.54
N THR A 311 8.45 -0.49 -18.25
CA THR A 311 9.70 -0.15 -17.57
C THR A 311 10.87 -0.67 -18.37
N SER A 312 12.06 -0.18 -18.05
CA SER A 312 13.28 -0.62 -18.71
C SER A 312 14.48 -0.68 -17.77
N GLY A 313 15.56 -1.28 -18.28
CA GLY A 313 16.85 -1.25 -17.62
C GLY A 313 16.96 -2.11 -16.38
N ASP A 314 17.84 -1.69 -15.47
CA ASP A 314 18.04 -2.38 -14.21
C ASP A 314 16.79 -2.35 -13.32
N TYR A 315 16.04 -1.25 -13.39
CA TYR A 315 14.77 -1.12 -12.69
C TYR A 315 13.81 -2.23 -13.07
N LYS A 316 13.59 -2.39 -14.37
CA LYS A 316 12.76 -3.48 -14.89
C LYS A 316 13.23 -4.84 -14.42
N ASN A 317 14.52 -5.10 -14.50
CA ASN A 317 15.02 -6.42 -14.18
C ASN A 317 14.90 -6.73 -12.71
N ALA A 318 15.06 -5.71 -11.87
CA ALA A 318 14.86 -5.86 -10.45
C ALA A 318 13.38 -6.13 -10.14
N LEU A 319 12.47 -5.41 -10.79
CA LEU A 319 11.03 -5.64 -10.55
C LEU A 319 10.65 -7.06 -10.92
N LEU A 320 11.14 -7.53 -12.07
CA LEU A 320 10.82 -8.87 -12.54
C LEU A 320 11.41 -9.95 -11.64
N SER A 321 12.59 -9.69 -11.08
CA SER A 321 13.23 -10.63 -10.15
C SER A 321 12.37 -10.78 -8.88
N LEU A 322 11.81 -9.67 -8.41
CA LEU A 322 10.93 -9.66 -7.24
C LEU A 322 9.62 -10.38 -7.50
N VAL A 323 9.01 -10.10 -8.65
CA VAL A 323 7.74 -10.70 -9.02
C VAL A 323 7.88 -12.21 -9.20
N GLY A 324 9.01 -12.65 -9.74
CA GLY A 324 9.27 -14.05 -9.97
C GLY A 324 8.53 -14.62 -11.17
N SER A 325 8.54 -15.94 -11.29
CA SER A 325 7.91 -16.60 -12.43
C SER A 325 6.43 -16.19 -12.55
N ASP A 326 6.03 -15.83 -13.77
CA ASP A 326 4.70 -15.30 -14.01
C ASP A 326 4.15 -15.82 -15.36
N PRO A 327 3.92 -17.14 -15.47
CA PRO A 327 3.44 -17.71 -16.72
C PRO A 327 2.01 -17.30 -17.04
CA CA B . 2.10 3.21 -19.18
#